data_7S84
#
_entry.id   7S84
#
_cell.length_a   54.190
_cell.length_b   71.550
_cell.length_c   72.220
_cell.angle_alpha   90.000
_cell.angle_beta   90.000
_cell.angle_gamma   90.000
#
_symmetry.space_group_name_H-M   'P 21 21 21'
#
loop_
_entity.id
_entity.type
_entity.pdbx_description
1 polymer 'Cyclin-dependent kinase 2'
2 non-polymer '2-{[2-(1H-indol-3-yl)ethyl]amino}-5-(trifluoromethyl)benzoic acid'
3 water water
#
_entity_poly.entity_id   1
_entity_poly.type   'polypeptide(L)'
_entity_poly.pdbx_seq_one_letter_code
;MENFQKVEKIGEGTYGVVYKARNKLTGEVVALKKIRLDTETEGVPSTAIREISLLKELNHPNIVKLLDVIHTENKLYLVF
EFLHQDLKKFMDASALTGIPLPLIKSYLFQLLQGLAFCHSHRVLHRDLKPQNLLINTEGAIKLADFGLARAFGVPVRTYT
HEVVTLWYRAPEILLGCKYYSTAVDIWSLGCIFAEMVTRRALFPGDSEIDQLFRIFRTLGTPDEVVWPGVTSMPDYKPSF
PKWARQDFSKVVPPLDEDGRSLLSQMLHYDPNKRISAKAALAHPFFQDVTKPVPHLRL
;
_entity_poly.pdbx_strand_id   A
#
loop_
_chem_comp.id
_chem_comp.type
_chem_comp.name
_chem_comp.formula
8IL non-polymer '2-{[2-(1H-indol-3-yl)ethyl]amino}-5-(trifluoromethyl)benzoic acid' 'C18 H15 F3 N2 O2'
#
# COMPACT_ATOMS: atom_id res chain seq x y z
N MET A 1 13.64 -21.58 -10.19
CA MET A 1 15.03 -22.01 -10.30
C MET A 1 15.25 -23.02 -11.44
N GLU A 2 16.51 -23.08 -11.90
CA GLU A 2 17.03 -23.94 -12.97
C GLU A 2 16.52 -23.52 -14.35
N ASN A 3 15.28 -23.07 -14.45
CA ASN A 3 14.78 -22.43 -15.66
C ASN A 3 15.16 -20.95 -15.72
N PHE A 4 15.84 -20.45 -14.69
CA PHE A 4 16.07 -19.04 -14.50
C PHE A 4 17.49 -18.82 -14.01
N GLN A 5 18.16 -17.83 -14.58
CA GLN A 5 19.43 -17.35 -14.06
C GLN A 5 19.14 -16.27 -13.02
N LYS A 6 19.44 -16.56 -11.76
CA LYS A 6 19.25 -15.57 -10.71
C LYS A 6 20.26 -14.44 -10.91
N VAL A 7 19.75 -13.24 -11.23
CA VAL A 7 20.63 -12.10 -11.41
C VAL A 7 21.01 -11.50 -10.06
N GLU A 8 20.04 -11.37 -9.15
CA GLU A 8 20.26 -10.59 -7.93
C GLU A 8 19.07 -10.79 -7.00
N LYS A 9 19.35 -10.75 -5.70
CA LYS A 9 18.30 -10.70 -4.70
C LYS A 9 17.82 -9.26 -4.60
N ILE A 10 16.50 -9.06 -4.63
CA ILE A 10 15.93 -7.72 -4.61
C ILE A 10 15.01 -7.48 -3.43
N GLY A 11 14.89 -8.43 -2.51
CA GLY A 11 14.06 -8.23 -1.33
C GLY A 11 13.72 -9.54 -0.66
N GLU A 12 13.28 -9.43 0.60
CA GLU A 12 12.73 -10.55 1.33
C GLU A 12 11.28 -10.25 1.71
N TYR A 15 6.54 -13.03 2.98
CA TYR A 15 6.14 -14.27 2.30
C TYR A 15 7.34 -15.10 1.91
N GLY A 16 8.36 -14.44 1.40
CA GLY A 16 9.59 -15.13 1.04
C GLY A 16 10.55 -14.19 0.38
N VAL A 17 11.47 -14.77 -0.35
CA VAL A 17 12.52 -14.01 -1.00
C VAL A 17 12.12 -13.75 -2.45
N VAL A 18 12.52 -12.60 -2.98
CA VAL A 18 12.26 -12.30 -4.40
C VAL A 18 13.58 -11.96 -5.07
N TYR A 19 13.76 -12.50 -6.27
CA TYR A 19 15.02 -12.29 -7.04
C TYR A 19 14.75 -11.71 -8.41
N LYS A 20 15.71 -10.95 -8.88
CA LYS A 20 15.71 -10.50 -10.28
C LYS A 20 16.24 -11.73 -11.01
N ALA A 21 15.49 -12.23 -11.97
CA ALA A 21 15.93 -13.47 -12.65
C ALA A 21 15.80 -13.30 -14.15
N ARG A 22 16.53 -14.11 -14.90
CA ARG A 22 16.43 -14.03 -16.37
C ARG A 22 15.99 -15.38 -16.91
N ASN A 23 14.88 -15.41 -17.65
CA ASN A 23 14.44 -16.66 -18.30
C ASN A 23 15.57 -17.10 -19.24
N LYS A 24 16.06 -18.32 -19.07
CA LYS A 24 17.24 -18.84 -19.80
C LYS A 24 16.96 -18.96 -21.31
N LEU A 25 15.73 -19.21 -21.70
CA LEU A 25 15.40 -19.37 -23.13
C LEU A 25 14.95 -18.05 -23.75
N THR A 26 13.92 -17.44 -23.19
CA THR A 26 13.36 -16.18 -23.76
C THR A 26 14.26 -14.97 -23.48
N GLY A 27 14.98 -14.94 -22.37
CA GLY A 27 15.82 -13.78 -22.05
C GLY A 27 15.03 -12.70 -21.34
N GLU A 28 13.79 -12.98 -20.98
CA GLU A 28 12.90 -12.04 -20.25
C GLU A 28 13.46 -11.85 -18.84
N VAL A 29 13.64 -10.61 -18.43
CA VAL A 29 14.08 -10.33 -17.05
C VAL A 29 12.81 -10.15 -16.22
N VAL A 30 12.72 -10.85 -15.10
CA VAL A 30 11.49 -10.85 -14.27
C VAL A 30 11.82 -10.81 -12.78
N ALA A 31 10.76 -10.67 -12.00
CA ALA A 31 10.88 -10.73 -10.53
C ALA A 31 10.38 -12.11 -10.13
N LEU A 32 11.22 -12.88 -9.49
CA LEU A 32 10.82 -14.26 -9.10
C LEU A 32 10.57 -14.31 -7.60
N LYS A 33 9.33 -14.53 -7.23
CA LYS A 33 8.99 -14.62 -5.80
C LYS A 33 8.91 -16.08 -5.37
N LYS A 34 9.74 -16.49 -4.41
CA LYS A 34 9.73 -17.90 -3.93
C LYS A 34 9.01 -17.95 -2.59
N ILE A 35 7.91 -18.68 -2.51
CA ILE A 35 7.15 -18.77 -1.23
C ILE A 35 7.22 -20.21 -0.72
N ARG A 36 7.79 -20.41 0.45
CA ARG A 36 7.89 -21.76 1.05
C ARG A 36 6.60 -22.04 1.81
N LEU A 37 6.02 -23.22 1.66
CA LEU A 37 4.73 -23.54 2.33
C LEU A 37 4.95 -24.42 3.57
N PRO A 45 -3.99 -24.98 -2.28
CA PRO A 45 -5.35 -25.51 -2.46
C PRO A 45 -5.87 -25.18 -3.87
N SER A 46 -6.84 -25.96 -4.35
CA SER A 46 -7.39 -25.73 -5.71
C SER A 46 -7.88 -24.28 -5.85
N THR A 47 -8.62 -23.79 -4.85
CA THR A 47 -9.13 -22.40 -4.89
C THR A 47 -7.95 -21.42 -4.89
N ALA A 48 -6.98 -21.65 -4.01
CA ALA A 48 -5.80 -20.76 -3.99
C ALA A 48 -5.15 -20.72 -5.38
N ILE A 49 -4.75 -21.88 -5.92
CA ILE A 49 -4.09 -21.88 -7.27
C ILE A 49 -5.02 -21.24 -8.29
N ARG A 50 -6.30 -21.62 -8.28
CA ARG A 50 -7.24 -21.07 -9.29
C ARG A 50 -7.39 -19.56 -9.13
N GLU A 51 -7.67 -19.10 -7.92
CA GLU A 51 -7.92 -17.65 -7.71
C GLU A 51 -6.68 -16.81 -8.04
N ILE A 52 -5.48 -17.32 -7.74
CA ILE A 52 -4.23 -16.58 -8.07
C ILE A 52 -4.08 -16.59 -9.59
N SER A 53 -4.36 -17.72 -10.22
CA SER A 53 -4.19 -17.86 -11.68
C SER A 53 -5.11 -16.92 -12.47
N LEU A 54 -6.28 -16.57 -11.94
CA LEU A 54 -7.23 -15.63 -12.59
C LEU A 54 -6.56 -14.26 -12.75
N LEU A 55 -5.74 -13.85 -11.77
CA LEU A 55 -5.02 -12.57 -11.76
C LEU A 55 -4.08 -12.39 -12.96
N LYS A 56 -3.57 -13.46 -13.57
CA LYS A 56 -2.71 -13.35 -14.79
C LYS A 56 -3.45 -12.63 -15.93
N GLU A 57 -4.75 -12.80 -16.08
CA GLU A 57 -5.53 -12.16 -17.17
C GLU A 57 -6.33 -10.96 -16.66
N LEU A 58 -6.10 -10.60 -15.41
CA LEU A 58 -6.73 -9.40 -14.82
C LEU A 58 -5.60 -8.36 -14.72
N ASN A 59 -5.52 -7.47 -15.68
CA ASN A 59 -4.39 -6.53 -15.71
C ASN A 59 -4.86 -5.09 -15.74
N HIS A 60 -4.02 -4.23 -15.20
CA HIS A 60 -4.23 -2.77 -15.14
C HIS A 60 -2.86 -2.15 -15.23
N PRO A 61 -2.68 -0.97 -15.85
CA PRO A 61 -1.38 -0.34 -15.91
C PRO A 61 -0.74 0.07 -14.58
N ASN A 62 -1.51 0.19 -13.50
CA ASN A 62 -1.01 0.57 -12.18
C ASN A 62 -0.94 -0.64 -11.27
N ILE A 63 -0.91 -1.83 -11.86
CA ILE A 63 -0.76 -3.09 -11.09
C ILE A 63 0.34 -3.93 -11.73
N VAL A 64 1.24 -4.44 -10.92
CA VAL A 64 2.34 -5.32 -11.36
C VAL A 64 1.73 -6.53 -12.07
N LYS A 65 2.28 -6.90 -13.21
CA LYS A 65 1.71 -8.05 -13.94
C LYS A 65 2.20 -9.37 -13.36
N LEU A 66 1.28 -10.28 -13.10
CA LEU A 66 1.66 -11.64 -12.65
C LEU A 66 1.81 -12.48 -13.92
N LEU A 67 3.03 -12.87 -14.25
CA LEU A 67 3.31 -13.63 -15.49
C LEU A 67 3.02 -15.12 -15.34
N ASP A 68 3.43 -15.75 -14.23
CA ASP A 68 3.23 -17.21 -14.08
C ASP A 68 3.08 -17.61 -12.63
N VAL A 69 2.51 -18.79 -12.41
CA VAL A 69 2.33 -19.38 -11.06
C VAL A 69 2.82 -20.83 -11.14
N ILE A 70 3.72 -21.25 -10.26
CA ILE A 70 4.27 -22.64 -10.26
C ILE A 70 4.25 -23.18 -8.82
N HIS A 71 3.60 -24.31 -8.57
CA HIS A 71 3.57 -24.88 -7.21
C HIS A 71 4.09 -26.32 -7.24
N THR A 72 5.02 -26.66 -6.35
CA THR A 72 5.57 -28.02 -6.33
C THR A 72 5.39 -28.67 -4.96
N ASN A 74 5.55 -28.03 -1.81
CA ASN A 74 6.33 -27.46 -0.70
C ASN A 74 6.64 -26.00 -1.01
N LYS A 75 6.46 -25.57 -2.25
CA LYS A 75 6.83 -24.17 -2.56
C LYS A 75 5.90 -23.59 -3.61
N LEU A 76 5.66 -22.27 -3.51
CA LEU A 76 4.84 -21.56 -4.50
C LEU A 76 5.70 -20.48 -5.15
N TYR A 77 5.85 -20.55 -6.46
CA TYR A 77 6.66 -19.55 -7.16
C TYR A 77 5.73 -18.63 -7.94
N LEU A 78 5.94 -17.34 -7.80
CA LEU A 78 5.19 -16.35 -8.56
C LEU A 78 6.18 -15.56 -9.39
N VAL A 79 5.94 -15.48 -10.70
CA VAL A 79 6.78 -14.73 -11.61
C VAL A 79 6.07 -13.44 -11.97
N PHE A 80 6.71 -12.31 -11.68
CA PHE A 80 6.17 -10.99 -11.93
C PHE A 80 7.01 -10.25 -12.95
N GLU A 81 6.38 -9.29 -13.63
CA GLU A 81 7.15 -8.29 -14.36
C GLU A 81 8.12 -7.59 -13.41
N PHE A 82 9.26 -7.17 -13.95
CA PHE A 82 10.32 -6.56 -13.18
C PHE A 82 10.36 -5.06 -13.40
N LEU A 83 10.43 -4.29 -12.31
CA LEU A 83 10.70 -2.86 -12.38
C LEU A 83 11.89 -2.55 -11.49
N HIS A 84 12.68 -1.58 -11.91
CA HIS A 84 14.00 -1.36 -11.32
C HIS A 84 13.95 -0.68 -9.96
N GLN A 85 12.91 0.09 -9.67
CA GLN A 85 12.93 0.88 -8.44
C GLN A 85 11.56 0.88 -7.79
N ASP A 86 11.54 1.22 -6.51
CA ASP A 86 10.32 1.34 -5.74
C ASP A 86 10.25 2.73 -5.12
N LEU A 87 9.09 3.05 -4.55
CA LEU A 87 8.87 4.39 -4.01
C LEU A 87 9.70 4.62 -2.74
N LYS A 88 9.97 3.58 -1.96
CA LYS A 88 10.79 3.76 -0.77
C LYS A 88 12.20 4.24 -1.15
N LYS A 89 12.82 3.54 -2.10
CA LYS A 89 14.13 3.97 -2.60
C LYS A 89 14.07 5.39 -3.14
N PHE A 90 13.02 5.69 -3.93
CA PHE A 90 12.92 6.99 -4.57
C PHE A 90 12.69 8.09 -3.54
N MET A 91 11.91 7.81 -2.48
CA MET A 91 11.73 8.77 -1.40
C MET A 91 13.02 9.03 -0.64
N ASP A 92 13.79 7.98 -0.35
CA ASP A 92 15.11 8.18 0.27
C ASP A 92 16.01 9.01 -0.63
N ALA A 93 16.04 8.71 -1.93
CA ALA A 93 16.86 9.48 -2.85
C ALA A 93 16.44 10.94 -2.90
N SER A 94 15.14 11.21 -2.76
CA SER A 94 14.62 12.56 -2.89
C SER A 94 14.49 13.29 -1.56
N ALA A 95 15.14 12.81 -0.50
CA ALA A 95 14.80 13.30 0.84
C ALA A 95 15.31 14.72 1.08
N LEU A 96 16.46 15.07 0.49
CA LEU A 96 16.99 16.42 0.70
C LEU A 96 16.14 17.46 -0.01
N THR A 97 15.63 17.13 -1.20
CA THR A 97 14.83 18.07 -1.99
C THR A 97 13.34 17.84 -1.87
N GLY A 98 12.90 16.63 -1.55
CA GLY A 98 11.47 16.33 -1.62
C GLY A 98 11.04 15.99 -3.03
N ILE A 99 10.05 15.11 -3.16
CA ILE A 99 9.46 14.83 -4.46
C ILE A 99 8.63 16.04 -4.91
N PRO A 100 8.76 16.51 -6.15
CA PRO A 100 7.94 17.64 -6.60
C PRO A 100 6.45 17.32 -6.51
N LEU A 101 5.67 18.31 -6.10
CA LEU A 101 4.24 18.10 -5.92
C LEU A 101 3.55 17.55 -7.16
N PRO A 102 3.82 18.02 -8.39
CA PRO A 102 3.19 17.37 -9.54
C PRO A 102 3.48 15.88 -9.61
N LEU A 103 4.67 15.43 -9.18
CA LEU A 103 4.95 14.00 -9.21
C LEU A 103 4.23 13.27 -8.08
N ILE A 104 4.24 13.84 -6.87
CA ILE A 104 3.42 13.31 -5.77
C ILE A 104 1.98 13.15 -6.24
N LYS A 105 1.42 14.19 -6.85
CA LYS A 105 0.04 14.13 -7.32
C LYS A 105 -0.16 13.05 -8.37
N SER A 106 0.78 12.93 -9.33
CA SER A 106 0.65 11.89 -10.35
C SER A 106 0.71 10.50 -9.73
N TYR A 107 1.67 10.29 -8.83
CA TYR A 107 1.80 8.98 -8.17
C TYR A 107 0.54 8.64 -7.36
N LEU A 108 0.01 9.60 -6.59
CA LEU A 108 -1.20 9.33 -5.82
C LEU A 108 -2.39 9.01 -6.73
N PHE A 109 -2.56 9.79 -7.79
CA PHE A 109 -3.60 9.54 -8.78
C PHE A 109 -3.49 8.13 -9.36
N GLN A 110 -2.28 7.71 -9.73
CA GLN A 110 -2.14 6.39 -10.36
C GLN A 110 -2.41 5.26 -9.37
N LEU A 111 -1.98 5.41 -8.11
CA LEU A 111 -2.21 4.35 -7.14
C LEU A 111 -3.69 4.22 -6.82
N LEU A 112 -4.41 5.33 -6.81
CA LEU A 112 -5.86 5.29 -6.60
C LEU A 112 -6.56 4.64 -7.80
N GLN A 113 -6.06 4.88 -9.01
CA GLN A 113 -6.57 4.16 -10.18
C GLN A 113 -6.37 2.66 -10.03
N GLY A 114 -5.18 2.25 -9.58
CA GLY A 114 -4.92 0.81 -9.41
C GLY A 114 -5.79 0.21 -8.32
N LEU A 115 -5.94 0.93 -7.20
CA LEU A 115 -6.81 0.47 -6.13
C LEU A 115 -8.27 0.43 -6.56
N ALA A 116 -8.73 1.48 -7.24
CA ALA A 116 -10.11 1.46 -7.75
C ALA A 116 -10.36 0.24 -8.62
N PHE A 117 -9.36 -0.14 -9.42
CA PHE A 117 -9.47 -1.31 -10.28
C PHE A 117 -9.60 -2.59 -9.46
N CYS A 118 -8.61 -2.86 -8.60
CA CYS A 118 -8.66 -4.15 -7.91
C CYS A 118 -9.80 -4.18 -6.89
N HIS A 119 -10.13 -3.03 -6.29
CA HIS A 119 -11.30 -2.99 -5.41
C HIS A 119 -12.60 -3.25 -6.17
N SER A 120 -12.70 -2.79 -7.43
CA SER A 120 -13.88 -3.11 -8.24
C SER A 120 -13.96 -4.60 -8.57
N HIS A 121 -12.86 -5.34 -8.42
CA HIS A 121 -12.83 -6.78 -8.59
C HIS A 121 -12.80 -7.52 -7.26
N ARG A 122 -13.16 -6.82 -6.17
CA ARG A 122 -13.19 -7.39 -4.81
C ARG A 122 -11.84 -7.97 -4.40
N VAL A 123 -10.74 -7.36 -4.82
CA VAL A 123 -9.40 -7.76 -4.41
C VAL A 123 -8.80 -6.63 -3.59
N LEU A 124 -8.39 -6.95 -2.35
CA LEU A 124 -7.73 -6.01 -1.45
C LEU A 124 -6.23 -6.24 -1.49
N HIS A 125 -5.48 -5.15 -1.28
CA HIS A 125 -4.03 -5.32 -1.16
C HIS A 125 -3.62 -5.69 0.26
N ARG A 126 -4.12 -4.95 1.25
CA ARG A 126 -3.95 -5.20 2.69
C ARG A 126 -2.59 -4.81 3.26
N ASP A 127 -1.59 -4.57 2.44
CA ASP A 127 -0.26 -4.31 3.01
C ASP A 127 0.51 -3.29 2.18
N LEU A 128 -0.14 -2.20 1.78
CA LEU A 128 0.54 -1.15 1.04
C LEU A 128 1.63 -0.52 1.88
N LYS A 129 2.80 -0.33 1.28
CA LYS A 129 3.98 0.27 1.89
C LYS A 129 4.76 0.88 0.75
N PRO A 130 5.53 1.94 1.00
CA PRO A 130 6.36 2.51 -0.08
C PRO A 130 7.21 1.49 -0.80
N GLN A 131 7.77 0.52 -0.07
CA GLN A 131 8.66 -0.44 -0.73
C GLN A 131 7.92 -1.37 -1.68
N ASN A 132 6.60 -1.49 -1.59
CA ASN A 132 5.84 -2.34 -2.49
C ASN A 132 5.32 -1.61 -3.72
N LEU A 133 5.69 -0.34 -3.90
CA LEU A 133 5.14 0.49 -4.98
C LEU A 133 6.25 0.70 -6.02
N LEU A 134 6.12 0.05 -7.17
CA LEU A 134 7.17 -0.01 -8.18
C LEU A 134 7.03 1.14 -9.16
N ILE A 135 8.16 1.73 -9.57
CA ILE A 135 8.18 2.88 -10.46
C ILE A 135 9.14 2.62 -11.62
N ASN A 136 8.85 3.24 -12.77
CA ASN A 136 9.75 3.12 -13.91
C ASN A 136 10.13 4.51 -14.44
N THR A 137 10.95 4.52 -15.49
CA THR A 137 11.43 5.76 -16.09
C THR A 137 10.32 6.54 -16.80
N GLU A 138 9.21 5.88 -17.12
CA GLU A 138 8.11 6.50 -17.87
C GLU A 138 7.15 7.29 -16.99
N GLY A 139 7.41 7.41 -15.69
CA GLY A 139 6.49 8.10 -14.81
C GLY A 139 5.37 7.24 -14.25
N ALA A 140 5.41 5.92 -14.44
CA ALA A 140 4.35 5.08 -13.91
C ALA A 140 4.70 4.58 -12.52
N ILE A 141 3.66 4.23 -11.77
CA ILE A 141 3.83 3.55 -10.49
C ILE A 141 2.82 2.41 -10.43
N LYS A 142 3.22 1.29 -9.84
CA LYS A 142 2.39 0.08 -9.88
C LYS A 142 2.31 -0.55 -8.49
N LEU A 143 1.11 -1.01 -8.14
CA LEU A 143 0.91 -1.80 -6.91
C LEU A 143 1.58 -3.16 -7.04
N ALA A 144 2.38 -3.53 -6.05
CA ALA A 144 3.02 -4.84 -6.02
C ALA A 144 2.98 -5.43 -4.61
N ASP A 145 3.35 -6.70 -4.52
CA ASP A 145 3.50 -7.40 -3.25
C ASP A 145 2.18 -7.41 -2.49
N PHE A 146 1.13 -7.86 -3.16
CA PHE A 146 -0.18 -7.96 -2.54
C PHE A 146 -0.12 -8.92 -1.36
N GLY A 147 -0.79 -8.55 -0.26
CA GLY A 147 -0.84 -9.41 0.91
C GLY A 147 -1.99 -10.38 0.85
N LEU A 148 -2.04 -11.20 -0.21
CA LEU A 148 -3.20 -12.01 -0.55
C LEU A 148 -3.12 -13.46 -0.06
N ALA A 149 -2.01 -13.88 0.55
CA ALA A 149 -1.86 -15.31 0.84
C ALA A 149 -2.90 -15.79 1.83
N ARG A 150 -3.10 -15.06 2.93
CA ARG A 150 -4.09 -15.46 3.91
C ARG A 150 -5.49 -15.51 3.30
N ALA A 151 -5.86 -14.47 2.54
CA ALA A 151 -7.20 -14.41 1.97
C ALA A 151 -7.44 -15.53 0.94
N PHE A 152 -6.42 -15.85 0.15
CA PHE A 152 -6.54 -16.94 -0.82
C PHE A 152 -6.36 -18.31 -0.17
N GLY A 153 -5.91 -18.36 1.08
CA GLY A 153 -5.75 -19.63 1.76
C GLY A 153 -4.47 -20.36 1.39
N VAL A 154 -3.35 -19.65 1.43
CA VAL A 154 -2.04 -20.22 1.10
C VAL A 154 -1.28 -20.46 2.39
N PRO A 155 -0.88 -21.69 2.69
CA PRO A 155 -0.18 -21.99 3.96
C PRO A 155 1.29 -21.60 3.92
N VAL A 156 1.54 -20.30 4.05
CA VAL A 156 2.89 -19.77 4.01
C VAL A 156 3.73 -20.33 5.15
N VAL A 163 10.83 -8.72 10.80
CA VAL A 163 9.91 -7.90 11.56
C VAL A 163 8.96 -7.15 10.62
N VAL A 164 7.67 -7.19 10.94
CA VAL A 164 6.65 -6.63 10.06
C VAL A 164 6.47 -5.14 10.35
N THR A 165 6.42 -4.33 9.30
CA THR A 165 6.16 -2.91 9.44
C THR A 165 4.67 -2.67 9.64
N LEU A 166 4.32 -1.92 10.68
CA LEU A 166 2.92 -1.62 10.97
C LEU A 166 2.55 -0.19 10.63
N TRP A 167 3.48 0.60 10.07
CA TRP A 167 3.31 2.04 9.98
C TRP A 167 2.10 2.42 9.14
N TYR A 168 1.69 1.57 8.22
CA TYR A 168 0.63 1.91 7.28
C TYR A 168 -0.68 1.17 7.56
N ARG A 169 -0.77 0.49 8.72
CA ARG A 169 -1.92 -0.34 9.06
C ARG A 169 -3.12 0.51 9.46
N ALA A 170 -4.30 0.20 8.88
CA ALA A 170 -5.54 0.86 9.26
C ALA A 170 -5.87 0.59 10.73
N PRO A 171 -6.52 1.55 11.40
CA PRO A 171 -6.84 1.34 12.84
C PRO A 171 -7.82 0.20 13.07
N GLU A 172 -8.71 -0.11 12.12
CA GLU A 172 -9.63 -1.22 12.35
C GLU A 172 -8.89 -2.56 12.34
N ILE A 173 -7.78 -2.64 11.59
CA ILE A 173 -6.97 -3.86 11.61
C ILE A 173 -6.27 -3.99 12.96
N LEU A 174 -5.67 -2.90 13.44
CA LEU A 174 -4.97 -2.94 14.72
C LEU A 174 -5.91 -3.22 15.88
N LEU A 175 -7.19 -2.89 15.75
CA LEU A 175 -8.16 -3.12 16.80
C LEU A 175 -8.90 -4.46 16.67
N GLY A 176 -8.42 -5.35 15.81
CA GLY A 176 -8.91 -6.72 15.77
C GLY A 176 -10.11 -7.01 14.88
N CYS A 177 -10.50 -6.09 14.00
CA CYS A 177 -11.57 -6.39 13.06
C CYS A 177 -11.15 -7.55 12.18
N LYS A 178 -12.00 -8.58 12.11
CA LYS A 178 -11.66 -9.75 11.31
C LYS A 178 -12.04 -9.59 9.85
N TYR A 179 -12.93 -8.66 9.52
CA TYR A 179 -13.39 -8.47 8.15
C TYR A 179 -12.90 -7.10 7.65
N TYR A 180 -11.73 -7.08 7.00
CA TYR A 180 -11.26 -5.86 6.35
C TYR A 180 -12.18 -5.49 5.20
N SER A 181 -12.30 -4.19 4.94
CA SER A 181 -12.91 -3.70 3.73
C SER A 181 -11.85 -3.04 2.86
N THR A 182 -12.27 -2.58 1.67
CA THR A 182 -11.39 -1.82 0.80
C THR A 182 -10.78 -0.62 1.52
N ALA A 183 -11.45 -0.12 2.58
CA ALA A 183 -10.98 1.06 3.30
C ALA A 183 -9.59 0.90 3.91
N VAL A 184 -9.12 -0.31 4.20
CA VAL A 184 -7.82 -0.42 4.83
C VAL A 184 -6.72 0.01 3.86
N ASP A 185 -6.95 -0.17 2.54
CA ASP A 185 -5.97 0.25 1.54
C ASP A 185 -5.96 1.78 1.38
N ILE A 186 -7.13 2.40 1.47
CA ILE A 186 -7.18 3.87 1.42
C ILE A 186 -6.41 4.46 2.59
N TRP A 187 -6.56 3.87 3.78
CA TRP A 187 -5.81 4.38 4.93
C TRP A 187 -4.30 4.32 4.66
N SER A 188 -3.81 3.13 4.29
CA SER A 188 -2.38 2.97 4.00
C SER A 188 -1.92 3.97 2.96
N LEU A 189 -2.70 4.13 1.90
CA LEU A 189 -2.32 5.07 0.86
C LEU A 189 -2.33 6.50 1.40
N GLY A 190 -3.25 6.81 2.30
CA GLY A 190 -3.22 8.12 2.95
C GLY A 190 -1.93 8.35 3.72
N CYS A 191 -1.48 7.35 4.48
CA CYS A 191 -0.20 7.44 5.18
C CYS A 191 0.97 7.65 4.21
N ILE A 192 0.96 6.96 3.07
CA ILE A 192 2.06 7.10 2.11
C ILE A 192 2.08 8.49 1.49
N PHE A 193 0.90 9.00 1.12
CA PHE A 193 0.72 10.37 0.63
C PHE A 193 1.35 11.38 1.59
N ALA A 194 1.00 11.29 2.87
CA ALA A 194 1.57 12.20 3.88
C ALA A 194 3.08 12.09 3.92
N GLU A 195 3.60 10.88 3.78
CA GLU A 195 5.04 10.66 3.84
C GLU A 195 5.76 11.24 2.62
N MET A 196 5.12 11.17 1.43
CA MET A 196 5.72 11.81 0.27
C MET A 196 5.82 13.31 0.45
N VAL A 197 4.80 13.90 1.10
CA VAL A 197 4.74 15.36 1.26
C VAL A 197 5.75 15.84 2.29
N THR A 198 5.77 15.21 3.47
CA THR A 198 6.57 15.70 4.58
C THR A 198 7.97 15.12 4.61
N ARG A 199 8.19 13.99 3.96
CA ARG A 199 9.44 13.24 3.95
C ARG A 199 9.75 12.63 5.31
N ARG A 200 8.72 12.42 6.14
CA ARG A 200 8.80 11.63 7.35
C ARG A 200 7.59 10.69 7.40
N ALA A 201 7.82 9.46 7.86
CA ALA A 201 6.72 8.54 8.10
C ALA A 201 5.68 9.16 9.04
N LEU A 202 4.41 8.99 8.69
CA LEU A 202 3.36 9.65 9.47
C LEU A 202 3.21 8.99 10.84
N PHE A 203 3.12 7.67 10.87
CA PHE A 203 2.83 6.90 12.09
C PHE A 203 3.84 5.78 12.25
N PRO A 204 5.09 6.10 12.66
CA PRO A 204 6.12 5.04 12.73
C PRO A 204 6.12 4.28 14.06
N GLY A 205 5.09 3.43 14.27
CA GLY A 205 5.03 2.63 15.47
C GLY A 205 5.87 1.35 15.37
N ASP A 206 6.24 0.80 16.53
CA ASP A 206 7.05 -0.41 16.58
C ASP A 206 6.34 -1.56 17.28
N SER A 207 5.08 -1.39 17.64
CA SER A 207 4.22 -2.44 18.17
C SER A 207 2.79 -2.05 17.80
N GLU A 208 1.89 -3.04 17.78
CA GLU A 208 0.51 -2.73 17.44
C GLU A 208 -0.06 -1.67 18.36
N ILE A 209 0.21 -1.76 19.66
CA ILE A 209 -0.35 -0.76 20.56
C ILE A 209 0.39 0.58 20.41
N ASP A 210 1.69 0.55 20.13
CA ASP A 210 2.41 1.79 19.89
C ASP A 210 1.93 2.44 18.60
N GLN A 211 1.66 1.61 17.58
CA GLN A 211 1.10 2.12 16.33
C GLN A 211 -0.24 2.79 16.59
N LEU A 212 -1.11 2.11 17.33
CA LEU A 212 -2.44 2.64 17.60
C LEU A 212 -2.36 3.96 18.37
N PHE A 213 -1.46 4.06 19.35
CA PHE A 213 -1.38 5.27 20.15
C PHE A 213 -0.74 6.41 19.40
N ARG A 214 0.22 6.12 18.51
CA ARG A 214 0.71 7.18 17.61
C ARG A 214 -0.43 7.75 16.77
N ILE A 215 -1.29 6.88 16.23
CA ILE A 215 -2.47 7.37 15.50
C ILE A 215 -3.36 8.19 16.44
N PHE A 216 -3.64 7.66 17.63
CA PHE A 216 -4.52 8.37 18.56
C PHE A 216 -3.95 9.73 18.93
N ARG A 217 -2.62 9.81 19.15
CA ARG A 217 -2.07 11.07 19.60
C ARG A 217 -2.17 12.14 18.54
N THR A 218 -2.23 11.77 17.26
CA THR A 218 -2.35 12.75 16.19
C THR A 218 -3.81 13.05 15.87
N LEU A 219 -4.62 12.02 15.62
CA LEU A 219 -6.00 12.22 15.16
C LEU A 219 -7.00 12.22 16.30
N GLY A 220 -6.55 12.05 17.53
CA GLY A 220 -7.46 11.98 18.67
C GLY A 220 -7.86 10.54 18.93
N THR A 221 -8.04 10.20 20.18
CA THR A 221 -8.57 8.89 20.49
C THR A 221 -9.99 8.77 19.93
N PRO A 222 -10.28 7.79 19.07
CA PRO A 222 -11.61 7.72 18.46
C PRO A 222 -12.66 7.37 19.51
N ASP A 223 -13.90 7.77 19.22
CA ASP A 223 -15.01 7.42 20.10
C ASP A 223 -16.23 7.13 19.26
N GLU A 224 -17.35 6.85 19.94
CA GLU A 224 -18.58 6.52 19.23
C GLU A 224 -19.10 7.67 18.39
N VAL A 225 -18.70 8.91 18.71
CA VAL A 225 -19.13 10.07 17.94
C VAL A 225 -18.54 10.01 16.54
N VAL A 226 -17.20 9.91 16.44
CA VAL A 226 -16.58 9.89 15.12
C VAL A 226 -16.51 8.50 14.51
N TRP A 227 -16.58 7.45 15.32
CA TRP A 227 -16.45 6.07 14.83
C TRP A 227 -17.43 5.18 15.57
N PRO A 228 -18.68 5.14 15.12
CA PRO A 228 -19.67 4.28 15.77
C PRO A 228 -19.28 2.81 15.70
N GLY A 229 -19.40 2.13 16.82
CA GLY A 229 -18.94 0.76 16.94
C GLY A 229 -17.50 0.60 17.36
N VAL A 230 -16.74 1.68 17.48
CA VAL A 230 -15.33 1.53 17.84
C VAL A 230 -15.18 0.84 19.20
N THR A 231 -16.04 1.19 20.17
CA THR A 231 -15.86 0.63 21.51
C THR A 231 -16.24 -0.84 21.57
N SER A 232 -16.74 -1.41 20.48
CA SER A 232 -17.07 -2.82 20.40
C SER A 232 -16.02 -3.61 19.64
N MET A 233 -14.99 -2.96 19.11
N MET A 233 -14.99 -2.97 19.11
CA MET A 233 -13.96 -3.68 18.39
CA MET A 233 -13.98 -3.69 18.37
C MET A 233 -13.31 -4.72 19.30
C MET A 233 -13.30 -4.71 19.29
N PRO A 234 -12.88 -5.85 18.75
CA PRO A 234 -12.32 -6.92 19.60
C PRO A 234 -11.21 -6.49 20.54
N ASP A 235 -10.29 -5.62 20.10
CA ASP A 235 -9.14 -5.25 20.92
C ASP A 235 -9.28 -3.86 21.53
N TYR A 236 -10.47 -3.26 21.45
CA TYR A 236 -10.68 -1.98 22.10
C TYR A 236 -10.69 -2.18 23.61
N LYS A 237 -10.09 -1.24 24.33
CA LYS A 237 -10.08 -1.23 25.80
C LYS A 237 -10.59 0.12 26.27
N PRO A 238 -11.58 0.16 27.18
CA PRO A 238 -11.98 1.45 27.77
C PRO A 238 -10.84 2.19 28.41
N SER A 239 -9.76 1.50 28.77
CA SER A 239 -8.63 2.15 29.41
C SER A 239 -7.68 2.82 28.43
N PHE A 240 -7.97 2.79 27.12
CA PHE A 240 -7.21 3.59 26.16
C PHE A 240 -7.15 5.03 26.65
N PRO A 241 -5.96 5.65 26.71
CA PRO A 241 -5.92 7.09 27.02
C PRO A 241 -6.72 7.88 26.00
N LYS A 242 -7.25 9.02 26.44
CA LYS A 242 -8.10 9.86 25.59
C LYS A 242 -7.30 11.09 25.18
N TRP A 243 -6.67 11.01 24.00
CA TRP A 243 -5.93 12.13 23.44
C TRP A 243 -6.84 13.00 22.56
N ALA A 244 -6.64 14.31 22.66
CA ALA A 244 -7.38 15.23 21.82
C ALA A 244 -6.85 15.17 20.40
N ARG A 245 -7.73 15.40 19.43
CA ARG A 245 -7.27 15.50 18.05
C ARG A 245 -6.36 16.71 17.90
N GLN A 246 -5.23 16.51 17.21
CA GLN A 246 -4.32 17.61 16.91
C GLN A 246 -4.86 18.45 15.78
N ASP A 247 -4.48 19.72 15.79
CA ASP A 247 -4.71 20.60 14.65
C ASP A 247 -4.22 19.94 13.37
N PHE A 248 -5.13 19.64 12.44
CA PHE A 248 -4.75 18.92 11.23
C PHE A 248 -3.76 19.71 10.37
N SER A 249 -3.59 21.00 10.61
CA SER A 249 -2.62 21.79 9.87
C SER A 249 -1.18 21.53 10.31
N LYS A 250 -0.99 20.83 11.44
CA LYS A 250 0.33 20.37 11.84
C LYS A 250 0.78 19.15 11.05
N VAL A 251 -0.15 18.44 10.42
CA VAL A 251 0.13 17.08 9.97
C VAL A 251 1.01 17.07 8.73
N VAL A 252 0.55 17.72 7.65
CA VAL A 252 1.32 17.74 6.40
C VAL A 252 1.61 19.19 6.00
N PRO A 253 2.17 20.00 6.91
CA PRO A 253 2.02 21.47 6.89
C PRO A 253 2.01 22.09 5.50
N PRO A 254 3.08 21.97 4.71
CA PRO A 254 3.14 22.79 3.49
C PRO A 254 1.95 22.57 2.55
N LEU A 255 1.34 21.39 2.63
CA LEU A 255 0.30 20.97 1.67
C LEU A 255 -0.88 21.92 1.67
N ASP A 256 -1.39 22.21 0.47
CA ASP A 256 -2.53 23.11 0.33
C ASP A 256 -3.82 22.44 0.81
N GLU A 257 -4.87 23.24 0.89
CA GLU A 257 -6.13 22.77 1.46
C GLU A 257 -6.79 21.69 0.60
N ASP A 258 -6.59 21.72 -0.74
CA ASP A 258 -7.05 20.60 -1.56
C ASP A 258 -6.41 19.30 -1.11
N GLY A 259 -5.08 19.29 -0.99
CA GLY A 259 -4.39 18.07 -0.55
C GLY A 259 -4.76 17.67 0.87
N ARG A 260 -4.81 18.65 1.78
CA ARG A 260 -5.13 18.35 3.17
C ARG A 260 -6.54 17.78 3.29
N SER A 261 -7.49 18.38 2.57
CA SER A 261 -8.86 17.88 2.57
C SER A 261 -8.91 16.43 2.08
N LEU A 262 -8.25 16.13 0.97
CA LEU A 262 -8.23 14.75 0.51
C LEU A 262 -7.61 13.85 1.55
N LEU A 263 -6.48 14.26 2.13
CA LEU A 263 -5.83 13.42 3.14
C LEU A 263 -6.75 13.14 4.31
N SER A 264 -7.44 14.17 4.83
CA SER A 264 -8.34 13.96 5.98
C SER A 264 -9.44 12.96 5.66
N GLN A 265 -9.93 12.93 4.42
CA GLN A 265 -10.94 11.94 4.05
C GLN A 265 -10.35 10.54 3.92
N MET A 266 -9.06 10.45 3.57
CA MET A 266 -8.39 9.17 3.49
C MET A 266 -8.06 8.61 4.86
N LEU A 267 -8.04 9.47 5.87
CA LEU A 267 -7.68 9.08 7.23
C LEU A 267 -8.87 9.15 8.19
N HIS A 268 -10.09 9.10 7.66
CA HIS A 268 -11.27 8.98 8.51
C HIS A 268 -11.18 7.71 9.35
N TYR A 269 -11.47 7.83 10.65
CA TYR A 269 -11.45 6.66 11.52
C TYR A 269 -12.47 5.63 11.04
N ASP A 270 -13.70 6.04 10.82
CA ASP A 270 -14.78 5.15 10.46
C ASP A 270 -14.56 4.61 9.06
N PRO A 271 -14.30 3.32 8.87
CA PRO A 271 -14.12 2.79 7.51
C PRO A 271 -15.28 3.09 6.59
N ASN A 272 -16.49 3.30 7.13
CA ASN A 272 -17.66 3.62 6.31
C ASN A 272 -17.68 5.07 5.85
N LYS A 273 -16.95 5.96 6.52
CA LYS A 273 -16.85 7.33 6.05
C LYS A 273 -15.58 7.58 5.25
N ARG A 274 -14.62 6.66 5.31
CA ARG A 274 -13.35 6.85 4.60
C ARG A 274 -13.61 6.85 3.10
N ILE A 275 -12.96 7.79 2.39
CA ILE A 275 -13.26 7.98 0.98
C ILE A 275 -12.86 6.73 0.19
N SER A 276 -13.63 6.42 -0.84
CA SER A 276 -13.29 5.31 -1.72
C SER A 276 -12.23 5.75 -2.72
N ALA A 277 -11.57 4.77 -3.34
CA ALA A 277 -10.59 5.11 -4.36
C ALA A 277 -11.24 5.85 -5.53
N LYS A 278 -12.41 5.38 -5.99
CA LYS A 278 -13.06 6.03 -7.11
C LYS A 278 -13.49 7.45 -6.76
N ALA A 279 -14.02 7.67 -5.57
CA ALA A 279 -14.41 9.02 -5.19
C ALA A 279 -13.19 9.91 -5.00
N ALA A 280 -12.10 9.37 -4.48
CA ALA A 280 -10.88 10.16 -4.32
C ALA A 280 -10.37 10.66 -5.66
N LEU A 281 -10.53 9.86 -6.72
CA LEU A 281 -10.10 10.27 -8.05
C LEU A 281 -10.81 11.52 -8.54
N ALA A 282 -12.02 11.79 -8.04
CA ALA A 282 -12.79 12.96 -8.43
C ALA A 282 -12.53 14.15 -7.53
N HIS A 283 -11.65 14.01 -6.56
CA HIS A 283 -11.45 15.09 -5.60
C HIS A 283 -10.75 16.26 -6.29
N PRO A 284 -11.11 17.52 -5.95
CA PRO A 284 -10.51 18.69 -6.61
C PRO A 284 -8.99 18.74 -6.58
N PHE A 285 -8.35 17.98 -5.69
CA PHE A 285 -6.88 17.95 -5.68
C PHE A 285 -6.32 17.51 -7.03
N PHE A 286 -7.05 16.69 -7.76
CA PHE A 286 -6.56 16.09 -8.99
C PHE A 286 -6.95 16.87 -10.23
N GLN A 287 -7.53 18.06 -10.09
CA GLN A 287 -8.00 18.79 -11.26
C GLN A 287 -6.85 19.20 -12.19
N ASP A 288 -5.65 19.44 -11.65
CA ASP A 288 -4.52 19.80 -12.48
C ASP A 288 -3.47 18.69 -12.58
N VAL A 289 -3.86 17.43 -12.35
CA VAL A 289 -2.89 16.35 -12.32
C VAL A 289 -2.26 16.17 -13.70
N THR A 290 -0.97 15.86 -13.72
CA THR A 290 -0.18 15.62 -14.92
C THR A 290 0.61 14.33 -14.70
N LYS A 291 1.46 13.98 -15.66
CA LYS A 291 2.29 12.79 -15.54
C LYS A 291 3.75 13.15 -15.79
N PRO A 292 4.40 13.79 -14.82
CA PRO A 292 5.83 14.07 -14.94
C PRO A 292 6.63 12.78 -14.96
N VAL A 293 7.88 12.90 -15.39
CA VAL A 293 8.80 11.76 -15.41
C VAL A 293 9.82 11.96 -14.29
N PRO A 294 10.05 10.97 -13.45
CA PRO A 294 11.00 11.14 -12.34
C PRO A 294 12.44 11.12 -12.85
N HIS A 295 13.34 11.55 -11.96
CA HIS A 295 14.79 11.47 -12.18
C HIS A 295 15.30 10.21 -11.48
N LEU A 296 15.49 9.14 -12.24
CA LEU A 296 15.84 7.85 -11.67
C LEU A 296 17.29 7.50 -11.96
N ARG A 297 18.05 7.23 -10.91
CA ARG A 297 19.37 6.66 -11.04
C ARG A 297 19.21 5.16 -10.83
N LEU A 298 19.46 4.38 -11.87
CA LEU A 298 19.40 2.94 -11.74
C LEU A 298 20.81 2.38 -11.69
C10 8IL B . -1.18 -13.65 -4.89
C15 8IL B . -0.93 -9.19 -8.44
C17 8IL B . -2.07 -9.19 -10.75
C20 8IL B . -3.36 -8.37 -9.07
C21 8IL B . -3.98 -7.91 -7.89
C22 8IL B . -5.29 -7.43 -7.92
C24 8IL B . -5.39 -7.84 -10.30
C02 8IL B . 2.02 -10.78 -4.69
C03 8IL B . 0.89 -11.79 -4.78
C04 8IL B . 0.86 -12.86 -3.89
C05 8IL B . -0.17 -13.78 -3.95
C06 8IL B . -0.18 -14.95 -2.99
C11 8IL B . -1.15 -12.58 -5.77
C12 8IL B . -0.13 -11.65 -5.71
C14 8IL B . -1.24 -10.34 -7.49
C16 8IL B . -2.09 -8.93 -9.39
C19 8IL B . -4.06 -8.34 -10.26
C23 8IL B . -6.00 -7.38 -9.13
F07 8IL B . 0.38 -16.00 -3.58
F08 8IL B . 0.57 -14.63 -1.93
F09 8IL B . -1.43 -15.23 -2.60
N13 8IL B . -0.13 -10.57 -6.62
N18 8IL B . -3.25 -8.83 -11.25
O01 8IL B . 1.88 -9.65 -5.21
O25 8IL B . 3.11 -11.08 -4.11
#